data_3PT3
#
_entry.id   3PT3
#
_cell.length_a   29.240
_cell.length_b   39.070
_cell.length_c   44.170
_cell.angle_alpha   90.04
_cell.angle_beta   84.59
_cell.angle_gamma   81.77
#
_symmetry.space_group_name_H-M   'P 1'
#
loop_
_entity.id
_entity.type
_entity.pdbx_description
1 polymer 'E3 ubiquitin-protein ligase UBR5'
2 water water
#
_entity_poly.entity_id   1
_entity_poly.type   'polypeptide(L)'
_entity_poly.pdbx_seq_one_letter_code
;GPLGSVQMLISFTSFNDESGENAEKLLQFKRWFWSIVEKMSMTERQDLVYFWTSSPSLPASEEGFQPMPSITIRPPDDQH
LPTANTCISRLYVPLYSSKQILKQKLLLAIKTKNFGFV
;
_entity_poly.pdbx_strand_id   A,B
#
# COMPACT_ATOMS: atom_id res chain seq x y z
N PHE A 12 5.46 19.50 16.41
CA PHE A 12 6.58 20.07 15.62
C PHE A 12 7.25 19.02 14.70
N THR A 13 6.61 17.86 14.52
CA THR A 13 7.20 16.85 13.65
C THR A 13 6.80 17.00 12.18
N SER A 14 7.81 17.02 11.31
CA SER A 14 7.62 17.10 9.89
C SER A 14 7.54 15.69 9.31
N PHE A 15 6.78 15.56 8.22
CA PHE A 15 6.64 14.29 7.51
C PHE A 15 7.34 14.38 6.16
N ASN A 16 8.09 13.35 5.83
CA ASN A 16 8.65 13.20 4.52
C ASN A 16 7.92 12.06 3.86
N ASP A 17 7.19 12.38 2.79
CA ASP A 17 6.44 11.37 2.05
C ASP A 17 7.37 10.61 1.09
N GLU A 18 7.78 9.41 1.48
CA GLU A 18 8.49 8.49 0.57
C GLU A 18 7.65 7.25 0.26
N SER A 19 6.34 7.38 0.31
CA SER A 19 5.43 6.22 0.30
C SER A 19 4.97 5.81 -1.10
N GLY A 20 4.89 6.77 -2.03
CA GLY A 20 4.36 6.54 -3.39
C GLY A 20 2.84 6.45 -3.45
N GLU A 21 2.21 6.64 -2.29
CA GLU A 21 0.77 6.47 -2.15
C GLU A 21 0.08 7.82 -2.28
N ASN A 22 -1.24 7.80 -2.40
CA ASN A 22 -2.03 9.02 -2.66
C ASN A 22 -2.23 9.86 -1.40
N ALA A 23 -2.58 11.13 -1.62
CA ALA A 23 -2.70 12.12 -0.57
C ALA A 23 -3.80 11.81 0.45
N GLU A 24 -4.89 11.20 -0.02
CA GLU A 24 -5.95 10.83 0.93
C GLU A 24 -5.48 9.71 1.84
N LYS A 25 -4.71 8.76 1.30
CA LYS A 25 -4.16 7.68 2.11
C LYS A 25 -3.12 8.19 3.10
N LEU A 26 -2.29 9.12 2.64
CA LEU A 26 -1.26 9.69 3.50
C LEU A 26 -1.89 10.47 4.65
N LEU A 27 -2.89 11.30 4.35
CA LEU A 27 -3.62 12.08 5.36
C LEU A 27 -4.29 11.18 6.41
N GLN A 28 -4.98 10.13 5.94
CA GLN A 28 -5.58 9.08 6.79
C GLN A 28 -4.57 8.43 7.77
N PHE A 29 -3.42 8.05 7.24
CA PHE A 29 -2.34 7.43 8.00
C PHE A 29 -1.81 8.39 9.05
N LYS A 30 -1.59 9.65 8.66
CA LYS A 30 -1.15 10.69 9.59
C LYS A 30 -2.15 10.83 10.75
N ARG A 31 -3.45 10.82 10.44
CA ARG A 31 -4.49 10.87 11.48
C ARG A 31 -4.40 9.67 12.41
N TRP A 32 -4.28 8.47 11.82
CA TRP A 32 -4.15 7.23 12.58
C TRP A 32 -2.98 7.30 13.56
N PHE A 33 -1.82 7.72 13.05
CA PHE A 33 -0.60 7.78 13.85
C PHE A 33 -0.77 8.64 15.10
N TRP A 34 -1.23 9.89 14.92
CA TRP A 34 -1.35 10.80 16.05
C TRP A 34 -2.40 10.38 17.04
N SER A 35 -3.46 9.74 16.53
CA SER A 35 -4.50 9.17 17.36
C SER A 35 -3.91 8.11 18.30
N ILE A 36 -3.09 7.22 17.76
CA ILE A 36 -2.41 6.18 18.55
C ILE A 36 -1.47 6.77 19.59
N VAL A 37 -0.63 7.71 19.16
CA VAL A 37 0.28 8.42 20.07
C VAL A 37 -0.49 9.16 21.19
N GLU A 38 -1.60 9.81 20.84
CA GLU A 38 -2.47 10.44 21.85
C GLU A 38 -2.90 9.48 22.96
N LYS A 39 -3.30 8.27 22.56
CA LYS A 39 -3.85 7.29 23.50
C LYS A 39 -2.80 6.46 24.23
N MET A 40 -1.52 6.62 23.91
CA MET A 40 -0.44 5.89 24.59
C MET A 40 -0.37 6.21 26.10
N SER A 41 -0.02 5.20 26.90
CA SER A 41 0.29 5.39 28.31
C SER A 41 1.60 6.16 28.45
N MET A 42 1.88 6.68 29.65
CA MET A 42 3.14 7.38 29.94
C MET A 42 4.35 6.50 29.64
N THR A 43 4.23 5.20 29.92
CA THR A 43 5.32 4.28 29.68
C THR A 43 5.52 4.04 28.18
N GLU A 44 4.41 3.94 27.45
CA GLU A 44 4.47 3.79 25.98
C GLU A 44 5.08 5.03 25.33
N ARG A 45 4.64 6.22 25.75
CA ARG A 45 5.19 7.48 25.24
C ARG A 45 6.69 7.61 25.51
N GLN A 46 7.14 7.18 26.69
CA GLN A 46 8.56 7.24 27.04
C GLN A 46 9.36 6.27 26.16
N ASP A 47 8.84 5.07 26.01
CA ASP A 47 9.39 4.08 25.09
C ASP A 47 9.45 4.61 23.66
N LEU A 48 8.39 5.32 23.23
CA LEU A 48 8.36 5.89 21.87
C LEU A 48 9.44 6.94 21.67
N VAL A 49 9.53 7.91 22.58
CA VAL A 49 10.51 8.98 22.43
C VAL A 49 11.94 8.43 22.44
N TYR A 50 12.20 7.44 23.29
CA TYR A 50 13.52 6.83 23.37
C TYR A 50 13.87 6.11 22.06
N PHE A 51 12.93 5.30 21.56
CA PHE A 51 13.07 4.63 20.26
C PHE A 51 13.42 5.61 19.12
N TRP A 52 12.69 6.73 19.08
CA TRP A 52 12.73 7.73 18.02
C TRP A 52 14.02 8.58 18.06
N THR A 53 14.45 8.93 19.27
CA THR A 53 15.44 9.99 19.49
C THR A 53 16.67 9.56 20.30
N SER A 54 16.59 8.41 20.97
CA SER A 54 17.65 7.93 21.90
C SER A 54 17.81 8.76 23.18
N SER A 55 16.88 9.67 23.41
CA SER A 55 16.88 10.44 24.65
C SER A 55 15.65 10.09 25.48
N PRO A 56 15.82 10.03 26.82
CA PRO A 56 14.74 9.58 27.69
C PRO A 56 13.60 10.58 27.77
N PRO A 69 12.17 15.55 15.43
CA PRO A 69 11.57 16.42 14.48
C PRO A 69 10.78 15.76 13.36
N SER A 70 11.16 14.56 12.89
CA SER A 70 10.60 14.07 11.63
C SER A 70 10.20 12.58 11.53
N ILE A 71 9.29 12.31 10.59
CA ILE A 71 8.83 10.96 10.27
C ILE A 71 8.95 10.78 8.77
N THR A 72 9.57 9.68 8.35
CA THR A 72 9.55 9.28 6.97
C THR A 72 8.55 8.14 6.83
N ILE A 73 7.55 8.37 5.98
CA ILE A 73 6.54 7.38 5.66
C ILE A 73 7.04 6.66 4.42
N ARG A 74 7.22 5.35 4.55
CA ARG A 74 7.75 4.50 3.48
C ARG A 74 6.60 3.80 2.77
N PRO A 75 6.89 3.14 1.63
CA PRO A 75 5.84 2.35 0.97
C PRO A 75 5.24 1.26 1.89
N PRO A 76 3.98 0.87 1.64
CA PRO A 76 3.28 -0.10 2.49
C PRO A 76 3.96 -1.49 2.57
N ASP A 77 4.09 -2.00 3.80
CA ASP A 77 4.68 -3.30 4.09
C ASP A 77 4.20 -3.69 5.49
N ASP A 78 3.12 -4.46 5.55
CA ASP A 78 2.49 -4.91 6.79
C ASP A 78 3.30 -5.91 7.64
N GLN A 79 4.40 -6.44 7.09
CA GLN A 79 5.27 -7.37 7.83
C GLN A 79 6.57 -6.75 8.39
N HIS A 80 6.78 -5.48 8.12
CA HIS A 80 7.98 -4.76 8.56
C HIS A 80 7.68 -3.80 9.72
N LEU A 81 8.54 -3.80 10.73
CA LEU A 81 8.39 -2.91 11.88
C LEU A 81 8.88 -1.47 11.60
N PRO A 82 8.38 -0.47 12.36
CA PRO A 82 9.02 0.85 12.28
C PRO A 82 10.45 0.80 12.81
N THR A 83 11.30 1.70 12.30
CA THR A 83 12.70 1.80 12.72
C THR A 83 13.02 3.26 12.90
N ALA A 84 14.21 3.55 13.39
CA ALA A 84 14.60 4.94 13.63
C ALA A 84 16.04 5.20 13.29
N ASN A 85 16.26 6.39 12.74
CA ASN A 85 17.59 6.97 12.69
C ASN A 85 17.64 7.96 13.85
N THR A 86 18.26 7.57 14.97
CA THR A 86 18.17 8.36 16.20
C THR A 86 19.12 9.56 16.18
N CYS A 87 20.18 9.46 15.37
CA CYS A 87 21.15 10.53 15.17
CA CYS A 87 21.16 10.52 15.18
C CYS A 87 20.50 11.82 14.65
N ILE A 88 19.43 11.66 13.88
CA ILE A 88 18.69 12.83 13.41
C ILE A 88 17.23 12.89 13.89
N SER A 89 16.85 11.96 14.77
CA SER A 89 15.48 11.89 15.33
C SER A 89 14.45 11.68 14.24
N ARG A 90 14.73 10.70 13.36
CA ARG A 90 13.83 10.37 12.26
C ARG A 90 13.27 8.96 12.42
N LEU A 91 11.95 8.89 12.56
CA LEU A 91 11.24 7.62 12.61
C LEU A 91 10.84 7.22 11.18
N TYR A 92 11.07 5.96 10.84
CA TYR A 92 10.62 5.37 9.59
C TYR A 92 9.43 4.45 9.89
N VAL A 93 8.32 4.67 9.17
CA VAL A 93 7.13 3.83 9.31
C VAL A 93 6.52 3.54 7.94
N PRO A 94 6.38 2.24 7.60
CA PRO A 94 5.67 1.84 6.39
C PRO A 94 4.23 2.29 6.48
N LEU A 95 3.66 2.65 5.33
CA LEU A 95 2.26 3.09 5.28
C LEU A 95 1.34 1.87 5.35
N TYR A 96 1.07 1.46 6.59
CA TYR A 96 0.32 0.26 6.86
C TYR A 96 -1.12 0.30 6.32
N SER A 97 -1.68 -0.88 6.06
CA SER A 97 -3.01 -0.99 5.47
C SER A 97 -4.16 -0.75 6.44
N SER A 98 -3.87 -0.71 7.74
CA SER A 98 -4.93 -0.44 8.71
C SER A 98 -4.37 0.25 9.96
N LYS A 99 -5.25 0.94 10.69
CA LYS A 99 -4.89 1.53 11.98
C LYS A 99 -4.43 0.47 12.98
N GLN A 100 -5.10 -0.69 12.97
CA GLN A 100 -4.80 -1.82 13.89
C GLN A 100 -3.38 -2.35 13.73
N ILE A 101 -2.95 -2.50 12.49
CA ILE A 101 -1.59 -2.93 12.16
C ILE A 101 -0.56 -1.88 12.60
N LEU A 102 -0.85 -0.60 12.32
CA LEU A 102 0.02 0.49 12.80
C LEU A 102 0.25 0.40 14.31
N LYS A 103 -0.85 0.33 15.07
CA LYS A 103 -0.76 0.24 16.53
C LYS A 103 0.09 -0.95 16.98
N GLN A 104 -0.20 -2.12 16.41
CA GLN A 104 0.49 -3.36 16.75
C GLN A 104 2.01 -3.27 16.55
N LYS A 105 2.42 -2.81 15.37
CA LYS A 105 3.83 -2.80 15.03
C LYS A 105 4.57 -1.66 15.70
N LEU A 106 3.90 -0.54 15.94
CA LEU A 106 4.52 0.56 16.70
C LEU A 106 4.75 0.18 18.18
N LEU A 107 3.75 -0.45 18.80
CA LEU A 107 3.91 -0.93 20.19
C LEU A 107 4.97 -2.03 20.32
N LEU A 108 5.03 -2.90 19.32
CA LEU A 108 5.99 -3.99 19.27
C LEU A 108 7.40 -3.45 19.11
N ALA A 109 7.55 -2.41 18.27
CA ALA A 109 8.87 -1.83 17.97
C ALA A 109 9.52 -1.13 19.17
N ILE A 110 8.72 -0.38 19.92
CA ILE A 110 9.24 0.50 20.98
C ILE A 110 9.52 -0.16 22.34
N LYS A 111 8.89 -1.31 22.59
CA LYS A 111 8.87 -1.92 23.93
C LYS A 111 10.26 -2.37 24.42
N SER B 5 4.32 -10.85 -23.25
CA SER B 5 4.02 -12.16 -22.59
C SER B 5 3.22 -12.02 -21.29
N VAL B 6 1.99 -12.50 -21.33
CA VAL B 6 1.15 -12.55 -20.14
C VAL B 6 1.62 -13.64 -19.15
N GLN B 7 2.15 -14.76 -19.65
CA GLN B 7 2.72 -15.81 -18.78
C GLN B 7 3.82 -15.25 -17.88
N MET B 8 4.67 -14.39 -18.43
CA MET B 8 5.79 -13.83 -17.66
C MET B 8 5.23 -12.96 -16.55
N LEU B 9 4.35 -12.03 -16.93
CA LEU B 9 3.62 -11.18 -15.99
C LEU B 9 2.94 -12.02 -14.90
N ILE B 10 2.24 -13.09 -15.29
CA ILE B 10 1.63 -13.98 -14.31
C ILE B 10 2.68 -14.58 -13.35
N SER B 11 3.81 -15.03 -13.89
CA SER B 11 4.88 -15.64 -13.06
C SER B 11 5.57 -14.68 -12.06
N PHE B 12 5.55 -13.39 -12.38
CA PHE B 12 6.28 -12.37 -11.62
C PHE B 12 5.40 -11.63 -10.62
N THR B 13 4.08 -11.83 -10.69
CA THR B 13 3.13 -11.03 -9.92
C THR B 13 2.58 -11.76 -8.68
N SER B 14 2.74 -11.13 -7.52
CA SER B 14 2.13 -11.57 -6.28
C SER B 14 0.92 -10.68 -5.96
N PHE B 15 -0.03 -11.25 -5.21
CA PHE B 15 -1.25 -10.59 -4.84
C PHE B 15 -1.29 -10.38 -3.33
N ASN B 16 -1.80 -9.22 -2.92
CA ASN B 16 -2.07 -8.91 -1.52
C ASN B 16 -3.56 -8.79 -1.35
N ASP B 17 -4.11 -9.53 -0.39
CA ASP B 17 -5.54 -9.49 -0.14
C ASP B 17 -5.86 -8.44 0.92
N GLU B 18 -6.37 -7.28 0.49
CA GLU B 18 -6.85 -6.27 1.42
C GLU B 18 -8.36 -6.04 1.19
N SER B 19 -9.06 -7.08 0.74
CA SER B 19 -10.45 -6.98 0.24
C SER B 19 -11.51 -7.19 1.31
N GLY B 20 -11.24 -8.08 2.26
CA GLY B 20 -12.25 -8.49 3.26
C GLY B 20 -13.22 -9.54 2.75
N GLU B 21 -13.02 -9.99 1.50
CA GLU B 21 -13.90 -10.95 0.83
C GLU B 21 -13.39 -12.39 0.92
N ASN B 22 -14.28 -13.36 0.70
CA ASN B 22 -13.95 -14.79 0.81
C ASN B 22 -13.01 -15.33 -0.30
N ALA B 23 -12.41 -16.50 -0.06
CA ALA B 23 -11.37 -17.05 -0.92
C ALA B 23 -11.80 -17.32 -2.37
N GLU B 24 -12.99 -17.89 -2.56
CA GLU B 24 -13.47 -18.18 -3.91
C GLU B 24 -13.76 -16.93 -4.74
N LYS B 25 -14.12 -15.85 -4.05
CA LYS B 25 -14.37 -14.57 -4.70
C LYS B 25 -13.07 -13.93 -5.15
N LEU B 26 -12.03 -14.08 -4.32
CA LEU B 26 -10.67 -13.66 -4.67
C LEU B 26 -10.08 -14.47 -5.83
N LEU B 27 -10.21 -15.80 -5.77
CA LEU B 27 -9.80 -16.69 -6.86
C LEU B 27 -10.47 -16.30 -8.17
N GLN B 28 -11.80 -16.14 -8.14
CA GLN B 28 -12.59 -15.71 -9.32
C GLN B 28 -12.11 -14.37 -9.90
N PHE B 29 -11.88 -13.40 -9.03
CA PHE B 29 -11.41 -12.09 -9.43
C PHE B 29 -10.05 -12.16 -10.12
N LYS B 30 -9.12 -12.96 -9.57
CA LYS B 30 -7.80 -13.16 -10.19
C LYS B 30 -7.96 -13.79 -11.59
N ARG B 31 -8.83 -14.78 -11.71
CA ARG B 31 -9.16 -15.40 -13.00
C ARG B 31 -9.61 -14.34 -14.01
N TRP B 32 -10.54 -13.48 -13.57
CA TRP B 32 -11.07 -12.42 -14.42
C TRP B 32 -9.95 -11.51 -14.90
N PHE B 33 -9.14 -11.03 -13.95
CA PHE B 33 -8.03 -10.12 -14.26
C PHE B 33 -7.09 -10.66 -15.34
N TRP B 34 -6.56 -11.87 -15.16
CA TRP B 34 -5.61 -12.44 -16.13
C TRP B 34 -6.27 -12.77 -17.48
N SER B 35 -7.56 -13.12 -17.45
CA SER B 35 -8.32 -13.34 -18.69
C SER B 35 -8.46 -12.04 -19.51
N ILE B 36 -8.66 -10.92 -18.83
CA ILE B 36 -8.71 -9.59 -19.45
C ILE B 36 -7.34 -9.19 -20.01
N VAL B 37 -6.28 -9.32 -19.21
CA VAL B 37 -4.92 -9.00 -19.65
C VAL B 37 -4.48 -9.86 -20.85
N GLU B 38 -4.79 -11.15 -20.80
CA GLU B 38 -4.56 -12.07 -21.92
C GLU B 38 -5.16 -11.58 -23.23
N LYS B 39 -6.35 -11.00 -23.15
CA LYS B 39 -7.08 -10.51 -24.32
C LYS B 39 -6.68 -9.10 -24.77
N MET B 40 -5.98 -8.37 -23.90
CA MET B 40 -5.52 -7.03 -24.24
C MET B 40 -4.66 -7.02 -25.51
N SER B 41 -4.76 -5.92 -26.28
CA SER B 41 -3.87 -5.68 -27.41
C SER B 41 -2.49 -5.32 -26.89
N MET B 42 -1.50 -5.28 -27.79
CA MET B 42 -0.14 -4.91 -27.43
C MET B 42 -0.04 -3.51 -26.81
N THR B 43 -0.69 -2.52 -27.42
CA THR B 43 -0.72 -1.16 -26.87
C THR B 43 -1.39 -1.11 -25.50
N GLU B 44 -2.51 -1.82 -25.37
CA GLU B 44 -3.20 -1.94 -24.09
C GLU B 44 -2.30 -2.51 -22.99
N ARG B 45 -1.52 -3.54 -23.31
CA ARG B 45 -0.59 -4.12 -22.34
C ARG B 45 0.54 -3.16 -21.98
N GLN B 46 1.06 -2.47 -22.98
CA GLN B 46 2.04 -1.41 -22.79
C GLN B 46 1.48 -0.29 -21.92
N ASP B 47 0.23 0.09 -22.17
CA ASP B 47 -0.44 1.10 -21.37
C ASP B 47 -0.61 0.61 -19.92
N LEU B 48 -0.98 -0.67 -19.76
CA LEU B 48 -1.12 -1.29 -18.45
C LEU B 48 0.19 -1.33 -17.66
N VAL B 49 1.26 -1.85 -18.28
CA VAL B 49 2.56 -1.89 -17.60
C VAL B 49 3.03 -0.49 -17.17
N TYR B 50 2.81 0.50 -18.03
CA TYR B 50 3.25 1.85 -17.78
C TYR B 50 2.49 2.51 -16.62
N PHE B 51 1.17 2.30 -16.59
CA PHE B 51 0.31 2.80 -15.50
C PHE B 51 0.74 2.13 -14.18
N TRP B 52 1.13 0.86 -14.25
CA TRP B 52 1.40 0.03 -13.09
C TRP B 52 2.77 0.29 -12.47
N THR B 53 3.78 0.55 -13.33
CA THR B 53 5.18 0.46 -12.93
C THR B 53 5.99 1.71 -13.27
N SER B 54 5.37 2.60 -14.05
CA SER B 54 5.99 3.82 -14.54
C SER B 54 7.02 3.56 -15.66
N SER B 55 7.18 2.30 -16.04
CA SER B 55 8.19 1.98 -17.05
C SER B 55 7.57 1.59 -18.40
N PRO B 56 8.19 2.03 -19.50
CA PRO B 56 7.69 1.65 -20.82
C PRO B 56 8.00 0.18 -21.11
N PRO B 67 11.61 -3.94 -6.58
CA PRO B 67 10.43 -4.73 -6.23
C PRO B 67 9.84 -5.41 -7.47
N MET B 68 9.50 -6.69 -7.35
CA MET B 68 8.72 -7.42 -8.38
C MET B 68 7.27 -6.94 -8.32
N PRO B 69 6.55 -6.91 -9.46
CA PRO B 69 5.17 -6.38 -9.50
C PRO B 69 4.20 -7.08 -8.55
N SER B 70 3.26 -6.33 -7.99
CA SER B 70 2.24 -6.87 -7.11
C SER B 70 0.89 -6.19 -7.34
N ILE B 71 -0.17 -6.90 -6.97
CA ILE B 71 -1.52 -6.33 -7.03
C ILE B 71 -2.14 -6.47 -5.66
N THR B 72 -2.67 -5.36 -5.15
CA THR B 72 -3.38 -5.36 -3.88
C THR B 72 -4.84 -5.29 -4.28
N ILE B 73 -5.60 -6.31 -3.91
CA ILE B 73 -7.05 -6.31 -4.14
C ILE B 73 -7.68 -5.59 -2.95
N ARG B 74 -8.44 -4.54 -3.25
CA ARG B 74 -9.09 -3.73 -2.24
C ARG B 74 -10.59 -4.10 -2.12
N PRO B 75 -11.29 -3.57 -1.09
CA PRO B 75 -12.72 -3.93 -0.92
C PRO B 75 -13.57 -3.54 -2.13
N PRO B 76 -14.71 -4.22 -2.35
CA PRO B 76 -15.46 -3.91 -3.57
C PRO B 76 -15.99 -2.46 -3.59
N ASP B 77 -15.90 -1.83 -4.75
CA ASP B 77 -16.46 -0.51 -5.03
C ASP B 77 -16.50 -0.34 -6.56
N ASP B 78 -17.68 -0.50 -7.15
CA ASP B 78 -17.85 -0.39 -8.61
C ASP B 78 -17.80 1.04 -9.17
N GLN B 79 -17.60 2.07 -8.32
CA GLN B 79 -17.40 3.45 -8.81
C GLN B 79 -16.02 4.06 -8.55
N HIS B 80 -15.03 3.21 -8.28
CA HIS B 80 -13.66 3.65 -8.15
C HIS B 80 -12.83 3.01 -9.26
N LEU B 81 -11.92 3.78 -9.84
CA LEU B 81 -11.01 3.25 -10.84
C LEU B 81 -9.84 2.54 -10.14
N PRO B 82 -9.13 1.66 -10.85
CA PRO B 82 -7.84 1.21 -10.33
C PRO B 82 -6.81 2.35 -10.24
N THR B 83 -5.86 2.22 -9.31
CA THR B 83 -4.77 3.18 -9.15
C THR B 83 -3.46 2.40 -9.00
N ALA B 84 -2.33 3.12 -8.93
CA ALA B 84 -1.03 2.46 -8.77
C ALA B 84 -0.04 3.26 -7.93
N ASN B 85 0.76 2.52 -7.16
CA ASN B 85 1.94 3.04 -6.51
C ASN B 85 3.11 2.63 -7.38
N THR B 86 3.54 3.51 -8.27
CA THR B 86 4.53 3.13 -9.28
C THR B 86 5.93 2.92 -8.72
N CYS B 87 6.21 3.49 -7.55
CA CYS B 87 7.50 3.35 -6.87
CA CYS B 87 7.54 3.34 -6.94
C CYS B 87 7.81 1.92 -6.46
N ILE B 88 6.75 1.17 -6.14
CA ILE B 88 6.93 -0.23 -5.75
C ILE B 88 6.17 -1.14 -6.71
N SER B 89 5.81 -0.59 -7.88
CA SER B 89 5.13 -1.35 -8.94
C SER B 89 3.93 -2.14 -8.41
N ARG B 90 3.04 -1.42 -7.71
CA ARG B 90 1.87 -2.03 -7.07
C ARG B 90 0.59 -1.45 -7.63
N LEU B 91 -0.22 -2.34 -8.19
CA LEU B 91 -1.51 -1.94 -8.74
C LEU B 91 -2.58 -2.17 -7.69
N TYR B 92 -3.43 -1.16 -7.48
CA TYR B 92 -4.59 -1.24 -6.61
C TYR B 92 -5.88 -1.43 -7.40
N VAL B 93 -6.61 -2.49 -7.07
CA VAL B 93 -7.85 -2.77 -7.81
C VAL B 93 -8.98 -3.23 -6.87
N PRO B 94 -10.09 -2.47 -6.85
CA PRO B 94 -11.22 -2.87 -6.04
C PRO B 94 -11.76 -4.18 -6.56
N LEU B 95 -12.30 -5.01 -5.67
CA LEU B 95 -12.84 -6.30 -6.08
C LEU B 95 -14.23 -6.10 -6.68
N TYR B 96 -14.25 -5.71 -7.95
CA TYR B 96 -15.50 -5.44 -8.65
C TYR B 96 -16.47 -6.62 -8.68
N SER B 97 -17.75 -6.30 -8.88
CA SER B 97 -18.84 -7.27 -8.85
C SER B 97 -19.00 -8.10 -10.12
N SER B 98 -18.36 -7.67 -11.22
CA SER B 98 -18.39 -8.45 -12.45
C SER B 98 -17.10 -8.31 -13.25
N LYS B 99 -16.91 -9.21 -14.21
CA LYS B 99 -15.77 -9.15 -15.09
C LYS B 99 -15.89 -7.95 -16.04
N GLN B 100 -17.11 -7.68 -16.49
CA GLN B 100 -17.46 -6.52 -17.34
C GLN B 100 -17.05 -5.18 -16.71
N ILE B 101 -17.37 -5.00 -15.43
CA ILE B 101 -16.95 -3.79 -14.70
C ILE B 101 -15.42 -3.73 -14.57
N LEU B 102 -14.80 -4.85 -14.20
CA LEU B 102 -13.34 -4.90 -14.11
C LEU B 102 -12.71 -4.43 -15.42
N LYS B 103 -13.15 -5.01 -16.55
CA LYS B 103 -12.60 -4.68 -17.89
C LYS B 103 -12.74 -3.21 -18.24
N GLN B 104 -13.95 -2.68 -18.03
CA GLN B 104 -14.25 -1.28 -18.34
C GLN B 104 -13.43 -0.28 -17.47
N LYS B 105 -13.33 -0.55 -16.17
CA LYS B 105 -12.57 0.32 -15.25
C LYS B 105 -11.07 0.26 -15.54
N LEU B 106 -10.57 -0.93 -15.87
CA LEU B 106 -9.12 -1.09 -16.16
C LEU B 106 -8.68 -0.42 -17.46
N LEU B 107 -9.43 -0.62 -18.55
CA LEU B 107 -9.20 0.10 -19.82
C LEU B 107 -9.28 1.63 -19.65
N LEU B 108 -10.30 2.07 -18.91
CA LEU B 108 -10.49 3.49 -18.57
C LEU B 108 -9.28 4.09 -17.83
N ALA B 109 -8.76 3.39 -16.83
CA ALA B 109 -7.60 3.86 -16.07
C ALA B 109 -6.30 3.97 -16.86
N ILE B 110 -6.03 2.99 -17.71
CA ILE B 110 -4.73 2.88 -18.41
C ILE B 110 -4.65 3.74 -19.67
N LYS B 111 -5.83 4.09 -20.22
CA LYS B 111 -5.95 4.91 -21.42
C LYS B 111 -5.37 6.31 -21.20
#